data_3NPK
#
_entry.id   3NPK
#
_cell.length_a   97.772
_cell.length_b   97.957
_cell.length_c   66.835
_cell.angle_alpha   90.00
_cell.angle_beta   90.00
_cell.angle_gamma   90.00
#
_symmetry.space_group_name_H-M   'P 21 21 2'
#
loop_
_entity.id
_entity.type
_entity.pdbx_description
1 polymer Geranyltranstransferase
2 non-polymer PYROPHOSPHATE
3 non-polymer GLYCEROL
4 water water
#
_entity_poly.entity_id   1
_entity_poly.type   'polypeptide(L)'
_entity_poly.pdbx_seq_one_letter_code
;(MSE)SLNLKELFIHHLEKNLPKVESFHPFFNEALAL(MSE)LKAGGKHFRAQLLLSVVQSNKPELLNQALDVALALEFI
HTYSLIHDDLPA(MSE)DNADFRRGIPTLHKSYDETTAILVGDALNTEAFLVLSHAHLKDEIKIKLIKTLAFNAGLNG
(MSE)VIGQAIDCFFEDKRLSLNELEFLHTHKTARLIAAALK(MSE)GCEICELNNEESNQIYKLGLKLGLIFQINDDII
DVTTSQEQSGKPTNNDIHKNSFVNLLGLEQAIKTKENLLNECEQDLEKLNEKLAQ(MSE)IQNLIIQYLEGHHHHHH
;
_entity_poly.pdbx_strand_id   A,B
#
# COMPACT_ATOMS: atom_id res chain seq x y z
N LEU A 3 19.48 -25.10 8.92
CA LEU A 3 19.45 -23.76 8.35
C LEU A 3 18.76 -22.79 9.30
N ASN A 4 19.45 -21.69 9.63
CA ASN A 4 18.90 -20.71 10.55
C ASN A 4 18.09 -19.65 9.82
N LEU A 5 16.77 -19.85 9.79
CA LEU A 5 15.86 -18.96 9.09
C LEU A 5 15.82 -17.56 9.69
N LYS A 6 15.98 -17.48 11.01
CA LYS A 6 15.98 -16.17 11.67
C LYS A 6 17.12 -15.31 11.13
N GLU A 7 18.32 -15.87 11.12
CA GLU A 7 19.49 -15.13 10.68
C GLU A 7 19.47 -14.89 9.17
N LEU A 8 18.99 -15.89 8.42
CA LEU A 8 18.86 -15.75 6.98
C LEU A 8 17.98 -14.56 6.65
N PHE A 9 16.82 -14.47 7.30
CA PHE A 9 15.93 -13.33 7.05
C PHE A 9 16.51 -11.97 7.49
N ILE A 10 17.12 -11.91 8.66
CA ILE A 10 17.74 -10.66 9.10
C ILE A 10 18.79 -10.19 8.09
N HIS A 11 19.63 -11.10 7.62
CA HIS A 11 20.65 -10.75 6.63
C HIS A 11 19.98 -10.24 5.35
N HIS A 12 18.89 -10.88 4.94
CA HIS A 12 18.17 -10.46 3.73
C HIS A 12 17.61 -9.05 3.90
N LEU A 13 16.98 -8.79 5.04
CA LEU A 13 16.40 -7.48 5.32
C LEU A 13 17.50 -6.42 5.30
N GLU A 14 18.63 -6.71 5.93
CA GLU A 14 19.66 -5.70 6.03
C GLU A 14 20.28 -5.31 4.67
N LYS A 15 20.22 -6.20 3.69
CA LYS A 15 20.74 -5.84 2.37
C LYS A 15 19.65 -5.45 1.37
N ASN A 16 18.42 -5.30 1.89
CA ASN A 16 17.28 -4.93 1.05
C ASN A 16 16.49 -3.78 1.66
N LEU A 17 17.18 -2.87 2.33
CA LEU A 17 16.48 -1.74 2.93
C LEU A 17 16.02 -0.83 1.80
N PRO A 18 14.74 -0.43 1.83
CA PRO A 18 14.24 0.40 0.74
C PRO A 18 14.91 1.78 0.77
N LYS A 19 15.32 2.28 -0.38
CA LYS A 19 15.96 3.59 -0.42
C LYS A 19 15.81 4.18 -1.80
N VAL A 20 15.89 5.50 -1.88
CA VAL A 20 15.87 6.22 -3.13
C VAL A 20 16.93 7.32 -3.08
N GLU A 21 17.68 7.47 -4.16
CA GLU A 21 18.70 8.51 -4.21
C GLU A 21 18.02 9.88 -4.33
N SER A 22 18.30 10.78 -3.40
CA SER A 22 17.75 12.12 -3.48
C SER A 22 18.52 13.05 -2.56
N PHE A 23 18.20 14.34 -2.61
CA PHE A 23 18.84 15.32 -1.73
C PHE A 23 18.08 15.50 -0.42
N HIS A 24 17.06 14.66 -0.17
CA HIS A 24 16.43 14.69 1.15
C HIS A 24 17.45 14.18 2.18
N PRO A 25 17.69 14.95 3.26
CA PRO A 25 18.78 14.58 4.16
C PRO A 25 18.56 13.32 5.00
N PHE A 26 17.33 12.84 5.15
CA PHE A 26 17.12 11.71 6.06
C PHE A 26 16.04 10.71 5.67
N PHE A 27 15.39 10.88 4.52
CA PHE A 27 14.30 9.97 4.23
C PHE A 27 14.76 8.52 4.19
N ASN A 28 15.92 8.24 3.60
CA ASN A 28 16.41 6.86 3.59
C ASN A 28 16.67 6.30 4.98
N GLU A 29 17.30 7.11 5.83
CA GLU A 29 17.53 6.69 7.20
C GLU A 29 16.21 6.44 7.93
N ALA A 30 15.22 7.30 7.69
CA ALA A 30 13.92 7.13 8.32
C ALA A 30 13.20 5.86 7.83
N LEU A 31 13.34 5.56 6.54
CA LEU A 31 12.80 4.32 5.98
C LEU A 31 13.39 3.10 6.66
N ALA A 32 14.70 3.14 6.90
CA ALA A 32 15.42 1.97 7.44
C ALA A 32 15.24 1.80 8.95
N LEU A 33 15.01 2.91 9.65
CA LEU A 33 15.15 2.94 11.10
C LEU A 33 14.34 1.86 11.81
N LEU A 35 12.80 -0.76 10.49
CA LEU A 35 13.07 -2.09 9.96
C LEU A 35 14.29 -2.69 10.64
N LYS A 36 15.30 -1.85 10.88
CA LYS A 36 16.55 -2.33 11.47
C LYS A 36 16.51 -2.43 12.98
N ALA A 37 15.64 -1.64 13.61
CA ALA A 37 15.67 -1.44 15.06
C ALA A 37 15.33 -2.71 15.82
N GLY A 38 14.42 -3.49 15.24
CA GLY A 38 13.99 -4.68 15.92
C GLY A 38 12.83 -5.32 15.21
N GLY A 39 12.16 -6.22 15.91
CA GLY A 39 11.09 -7.01 15.34
C GLY A 39 11.46 -8.47 15.45
N LYS A 40 10.54 -9.26 15.96
CA LYS A 40 10.77 -10.70 16.09
C LYS A 40 10.65 -11.43 14.75
N HIS A 41 10.12 -10.72 13.75
CA HIS A 41 9.89 -11.28 12.40
C HIS A 41 9.06 -12.54 12.41
N PHE A 42 8.11 -12.61 13.34
CA PHE A 42 7.24 -13.77 13.48
C PHE A 42 6.52 -14.09 12.16
N ARG A 43 5.99 -13.06 11.51
CA ARG A 43 5.26 -13.29 10.27
C ARG A 43 6.17 -13.82 9.16
N ALA A 44 7.30 -13.15 8.95
CA ALA A 44 8.32 -13.66 8.03
C ALA A 44 8.67 -15.12 8.33
N GLN A 45 8.88 -15.42 9.61
CA GLN A 45 9.31 -16.78 9.98
C GLN A 45 8.23 -17.84 9.77
N LEU A 46 6.97 -17.48 9.97
CA LEU A 46 5.87 -18.41 9.64
C LEU A 46 5.90 -18.75 8.16
N LEU A 47 6.04 -17.74 7.31
CA LEU A 47 6.05 -17.96 5.88
C LEU A 47 7.25 -18.84 5.48
N LEU A 48 8.43 -18.47 5.98
CA LEU A 48 9.64 -19.18 5.58
C LEU A 48 9.64 -20.62 6.09
N SER A 49 9.00 -20.85 7.24
CA SER A 49 8.92 -22.20 7.81
C SER A 49 8.09 -23.09 6.88
N VAL A 50 6.96 -22.56 6.42
CA VAL A 50 6.14 -23.33 5.47
C VAL A 50 6.97 -23.69 4.23
N VAL A 51 7.62 -22.70 3.64
CA VAL A 51 8.41 -22.96 2.43
C VAL A 51 9.54 -23.96 2.69
N GLN A 52 10.30 -23.74 3.76
CA GLN A 52 11.39 -24.66 4.09
C GLN A 52 10.91 -26.10 4.24
N SER A 53 9.74 -26.27 4.83
CA SER A 53 9.22 -27.61 5.13
C SER A 53 8.68 -28.32 3.89
N ASN A 54 8.33 -27.56 2.86
CA ASN A 54 7.61 -28.13 1.74
C ASN A 54 8.38 -28.09 0.42
N LYS A 55 8.95 -26.92 0.12
CA LYS A 55 9.76 -26.74 -1.08
C LYS A 55 11.00 -25.93 -0.74
N PRO A 56 11.95 -26.57 -0.05
CA PRO A 56 13.13 -25.82 0.41
C PRO A 56 13.92 -25.23 -0.76
N GLU A 57 13.71 -25.76 -1.96
CA GLU A 57 14.39 -25.22 -3.15
C GLU A 57 13.92 -23.81 -3.52
N LEU A 58 12.84 -23.36 -2.90
CA LEU A 58 12.33 -22.01 -3.12
C LEU A 58 12.57 -21.08 -1.93
N LEU A 59 13.34 -21.53 -0.94
CA LEU A 59 13.48 -20.73 0.29
C LEU A 59 14.10 -19.35 0.02
N ASN A 60 15.17 -19.31 -0.76
CA ASN A 60 15.79 -18.02 -1.01
C ASN A 60 14.87 -17.06 -1.77
N GLN A 61 14.16 -17.58 -2.75
CA GLN A 61 13.23 -16.78 -3.53
C GLN A 61 12.11 -16.26 -2.64
N ALA A 62 11.77 -17.04 -1.62
CA ALA A 62 10.72 -16.66 -0.68
C ALA A 62 11.10 -15.52 0.23
N LEU A 63 12.39 -15.24 0.38
CA LEU A 63 12.81 -14.20 1.30
C LEU A 63 12.18 -12.85 0.94
N ASP A 64 12.02 -12.58 -0.36
CA ASP A 64 11.40 -11.31 -0.79
C ASP A 64 9.93 -11.26 -0.36
N VAL A 65 9.27 -12.41 -0.30
CA VAL A 65 7.86 -12.42 0.08
C VAL A 65 7.76 -12.18 1.59
N ALA A 66 8.66 -12.82 2.35
CA ALA A 66 8.76 -12.54 3.78
C ALA A 66 9.05 -11.06 4.02
N LEU A 67 9.91 -10.47 3.19
CA LEU A 67 10.25 -9.06 3.30
C LEU A 67 9.01 -8.18 3.12
N ALA A 68 8.20 -8.50 2.11
CA ALA A 68 6.96 -7.75 1.88
C ALA A 68 6.05 -7.77 3.12
N LEU A 69 5.92 -8.95 3.74
CA LEU A 69 5.13 -9.09 4.96
C LEU A 69 5.64 -8.18 6.06
N GLU A 70 6.95 -8.15 6.25
CA GLU A 70 7.52 -7.32 7.31
C GLU A 70 7.45 -5.82 6.97
N PHE A 71 7.46 -5.48 5.67
CA PHE A 71 7.25 -4.07 5.29
C PHE A 71 5.84 -3.65 5.68
N ILE A 72 4.84 -4.49 5.39
CA ILE A 72 3.48 -4.17 5.76
C ILE A 72 3.37 -4.05 7.26
N HIS A 73 3.93 -5.02 7.97
CA HIS A 73 3.82 -5.01 9.42
C HIS A 73 4.47 -3.75 10.00
N THR A 74 5.68 -3.44 9.54
CA THR A 74 6.36 -2.25 10.05
C THR A 74 5.61 -0.97 9.72
N TYR A 75 5.08 -0.84 8.50
CA TYR A 75 4.30 0.36 8.17
C TYR A 75 3.13 0.51 9.16
N SER A 76 2.50 -0.61 9.49
CA SER A 76 1.32 -0.54 10.35
C SER A 76 1.68 -0.07 11.74
N LEU A 77 2.86 -0.48 12.22
CA LEU A 77 3.31 -0.06 13.54
C LEU A 77 3.58 1.44 13.56
N ILE A 78 4.23 1.94 12.50
CA ILE A 78 4.57 3.35 12.40
C ILE A 78 3.29 4.20 12.40
N HIS A 79 2.30 3.80 11.59
CA HIS A 79 1.04 4.55 11.61
C HIS A 79 0.28 4.41 12.93
N ASP A 80 0.25 3.20 13.49
CA ASP A 80 -0.49 2.99 14.75
C ASP A 80 0.13 3.81 15.89
N ASP A 81 1.43 4.06 15.82
CA ASP A 81 2.13 4.79 16.88
C ASP A 81 1.91 6.31 16.80
N LEU A 82 1.32 6.79 15.71
CA LEU A 82 1.13 8.24 15.50
C LEU A 82 0.31 8.86 16.62
N PRO A 83 0.54 10.15 16.89
CA PRO A 83 -0.24 10.84 17.94
C PRO A 83 -1.75 10.68 17.78
N ALA A 84 -2.26 10.64 16.55
CA ALA A 84 -3.71 10.51 16.35
C ALA A 84 -4.23 9.18 16.86
N ASP A 86 -2.20 5.59 18.65
CA ASP A 86 -1.66 5.17 19.96
C ASP A 86 -0.77 6.22 20.63
N ASN A 87 -0.24 7.16 19.84
CA ASN A 87 0.59 8.24 20.43
C ASN A 87 1.75 7.68 21.25
N ALA A 88 2.50 6.76 20.65
CA ALA A 88 3.63 6.12 21.32
C ALA A 88 4.92 6.89 21.14
N ASP A 89 5.70 7.00 22.21
CA ASP A 89 6.99 7.69 22.15
C ASP A 89 8.14 6.76 21.78
N PHE A 90 7.94 5.46 21.95
CA PHE A 90 8.97 4.47 21.66
C PHE A 90 8.39 3.21 21.01
N ARG A 91 9.20 2.56 20.18
CA ARG A 91 8.83 1.30 19.53
C ARG A 91 10.13 0.57 19.21
N ARG A 92 10.17 -0.74 19.48
CA ARG A 92 11.35 -1.55 19.20
C ARG A 92 12.64 -0.99 19.82
N GLY A 93 12.48 -0.35 20.97
CA GLY A 93 13.63 0.09 21.73
C GLY A 93 14.20 1.46 21.38
N ILE A 94 13.60 2.11 20.40
CA ILE A 94 14.05 3.44 19.99
C ILE A 94 12.85 4.40 19.95
N PRO A 95 13.12 5.71 19.88
CA PRO A 95 12.00 6.64 19.70
C PRO A 95 11.24 6.36 18.42
N THR A 96 9.95 6.63 18.44
CA THR A 96 9.15 6.51 17.23
C THR A 96 9.55 7.53 16.18
N LEU A 97 9.21 7.27 14.92
CA LEU A 97 9.64 8.17 13.83
C LEU A 97 9.12 9.58 13.98
N HIS A 98 7.92 9.74 14.54
CA HIS A 98 7.40 11.10 14.64
C HIS A 98 8.11 11.88 15.74
N LYS A 99 8.77 11.18 16.66
CA LYS A 99 9.58 11.85 17.69
C LYS A 99 10.99 12.14 17.18
N SER A 100 11.60 11.18 16.49
CA SER A 100 12.96 11.38 15.97
C SER A 100 13.00 12.36 14.81
N TYR A 101 11.97 12.32 13.97
CA TYR A 101 11.88 13.18 12.81
C TYR A 101 10.70 14.14 12.95
N ASP A 102 9.56 13.80 12.38
CA ASP A 102 8.34 14.58 12.55
C ASP A 102 7.16 13.75 12.08
N GLU A 103 5.94 14.24 12.28
CA GLU A 103 4.77 13.45 11.94
C GLU A 103 4.70 13.21 10.45
N THR A 104 5.04 14.23 9.67
CA THR A 104 5.01 14.09 8.21
C THR A 104 5.88 12.91 7.78
N THR A 105 7.09 12.84 8.30
CA THR A 105 8.00 11.75 7.96
C THR A 105 7.42 10.39 8.35
N ALA A 106 6.85 10.31 9.55
CA ALA A 106 6.26 9.05 10.00
C ALA A 106 5.11 8.63 9.05
N ILE A 107 4.24 9.58 8.72
CA ILE A 107 3.13 9.24 7.82
C ILE A 107 3.67 8.74 6.48
N LEU A 108 4.59 9.51 5.89
CA LEU A 108 5.09 9.17 4.55
C LEU A 108 5.97 7.91 4.51
N VAL A 109 6.77 7.68 5.56
CA VAL A 109 7.53 6.43 5.61
C VAL A 109 6.56 5.24 5.64
N GLY A 110 5.51 5.32 6.47
CA GLY A 110 4.53 4.25 6.47
C GLY A 110 3.90 4.06 5.10
N ASP A 111 3.53 5.17 4.45
CA ASP A 111 2.92 5.11 3.11
C ASP A 111 3.89 4.43 2.14
N ALA A 112 5.16 4.83 2.20
CA ALA A 112 6.20 4.22 1.35
C ALA A 112 6.30 2.72 1.56
N LEU A 113 6.30 2.28 2.82
CA LEU A 113 6.49 0.85 3.10
C LEU A 113 5.28 0.02 2.66
N ASN A 114 4.08 0.58 2.81
CA ASN A 114 2.85 -0.07 2.35
C ASN A 114 3.00 -0.34 0.85
N THR A 115 3.28 0.70 0.08
CA THR A 115 3.42 0.53 -1.38
C THR A 115 4.63 -0.35 -1.73
N GLU A 116 5.71 -0.20 -0.99
CA GLU A 116 6.94 -0.93 -1.33
C GLU A 116 6.78 -2.44 -1.13
N ALA A 117 5.89 -2.84 -0.23
CA ALA A 117 5.64 -4.26 -0.03
C ALA A 117 5.22 -4.88 -1.37
N PHE A 118 4.38 -4.16 -2.10
CA PHE A 118 3.91 -4.64 -3.39
C PHE A 118 4.96 -4.57 -4.48
N LEU A 119 5.81 -3.55 -4.45
CA LEU A 119 6.93 -3.51 -5.39
C LEU A 119 7.85 -4.72 -5.18
N VAL A 120 8.21 -4.99 -3.92
CA VAL A 120 9.09 -6.10 -3.61
C VAL A 120 8.44 -7.43 -4.00
N LEU A 121 7.16 -7.59 -3.69
CA LEU A 121 6.50 -8.85 -4.02
C LEU A 121 6.48 -9.04 -5.55
N SER A 122 6.19 -7.98 -6.27
CA SER A 122 6.05 -8.08 -7.72
C SER A 122 7.38 -8.41 -8.42
N HIS A 123 8.49 -8.08 -7.75
CA HIS A 123 9.83 -8.37 -8.25
C HIS A 123 10.46 -9.70 -7.76
N ALA A 124 9.72 -10.47 -6.97
CA ALA A 124 10.24 -11.74 -6.48
C ALA A 124 10.54 -12.68 -7.66
N HIS A 125 11.52 -13.56 -7.46
CA HIS A 125 11.89 -14.52 -8.48
CA HIS A 125 11.85 -14.51 -8.50
C HIS A 125 11.00 -15.77 -8.38
N LEU A 126 9.72 -15.58 -8.72
CA LEU A 126 8.70 -16.62 -8.70
C LEU A 126 7.82 -16.40 -9.92
N LYS A 127 7.13 -17.44 -10.37
CA LYS A 127 6.23 -17.31 -11.51
C LYS A 127 5.21 -16.22 -11.28
N ASP A 128 4.86 -15.52 -12.37
CA ASP A 128 3.86 -14.44 -12.30
C ASP A 128 2.53 -14.93 -11.72
N GLU A 129 2.11 -16.15 -12.05
CA GLU A 129 0.87 -16.68 -11.52
C GLU A 129 0.91 -16.77 -9.99
N ILE A 130 2.05 -17.19 -9.45
CA ILE A 130 2.22 -17.27 -8.00
C ILE A 130 2.25 -15.87 -7.40
N LYS A 131 2.96 -14.95 -8.04
CA LYS A 131 3.06 -13.59 -7.49
C LYS A 131 1.71 -12.90 -7.43
N ILE A 132 0.86 -13.11 -8.43
CA ILE A 132 -0.50 -12.53 -8.40
C ILE A 132 -1.30 -13.11 -7.23
N LYS A 133 -1.19 -14.42 -7.01
CA LYS A 133 -1.88 -15.01 -5.84
C LYS A 133 -1.38 -14.39 -4.54
N LEU A 134 -0.06 -14.25 -4.41
CA LEU A 134 0.52 -13.67 -3.21
C LEU A 134 0.07 -12.22 -2.98
N ILE A 135 0.02 -11.45 -4.05
CA ILE A 135 -0.44 -10.06 -3.94
C ILE A 135 -1.92 -9.99 -3.53
N LYS A 136 -2.75 -10.88 -4.08
CA LYS A 136 -4.14 -10.94 -3.66
C LYS A 136 -4.23 -11.25 -2.18
N THR A 137 -3.44 -12.21 -1.70
CA THR A 137 -3.51 -12.59 -0.30
C THR A 137 -3.04 -11.46 0.60
N LEU A 138 -1.93 -10.84 0.24
CA LEU A 138 -1.42 -9.77 1.09
C LEU A 138 -2.34 -8.56 1.10
N ALA A 139 -2.80 -8.13 -0.07
CA ALA A 139 -3.61 -6.90 -0.12
C ALA A 139 -4.99 -7.10 0.53
N PHE A 140 -5.53 -8.30 0.43
CA PHE A 140 -6.79 -8.60 1.10
C PHE A 140 -6.61 -8.53 2.61
N ASN A 141 -5.62 -9.28 3.13
CA ASN A 141 -5.47 -9.40 4.57
C ASN A 141 -4.85 -8.20 5.27
N ALA A 142 -4.03 -7.45 4.54
CA ALA A 142 -3.39 -6.24 5.09
C ALA A 142 -4.21 -4.99 4.90
N GLY A 143 -5.20 -5.05 4.01
CA GLY A 143 -5.96 -3.87 3.65
C GLY A 143 -7.28 -3.73 4.38
N LEU A 144 -8.24 -3.09 3.73
CA LEU A 144 -9.54 -2.86 4.34
C LEU A 144 -10.30 -4.15 4.70
N ASN A 145 -9.98 -5.26 4.04
CA ASN A 145 -10.61 -6.55 4.40
C ASN A 145 -10.00 -7.23 5.63
N GLY A 146 -8.97 -6.63 6.20
CA GLY A 146 -8.29 -7.25 7.31
C GLY A 146 -7.72 -6.22 8.27
N VAL A 148 -6.59 -3.17 8.20
CA VAL A 148 -7.01 -1.78 8.31
C VAL A 148 -8.38 -1.60 8.97
N ILE A 149 -9.35 -2.44 8.61
CA ILE A 149 -10.65 -2.33 9.27
C ILE A 149 -10.52 -2.72 10.75
N GLY A 150 -9.65 -3.70 11.06
CA GLY A 150 -9.38 -4.04 12.44
C GLY A 150 -8.85 -2.87 13.25
N GLN A 151 -7.88 -2.15 12.69
CA GLN A 151 -7.36 -0.97 13.35
C GLN A 151 -8.38 0.16 13.47
N ALA A 152 -9.17 0.38 12.42
CA ALA A 152 -10.21 1.43 12.49
C ALA A 152 -11.21 1.11 13.62
N ILE A 153 -11.60 -0.15 13.71
CA ILE A 153 -12.52 -0.57 14.76
C ILE A 153 -11.85 -0.41 16.14
N ASP A 154 -10.61 -0.86 16.26
CA ASP A 154 -9.88 -0.74 17.54
C ASP A 154 -9.83 0.72 18.01
N CYS A 155 -9.48 1.62 17.10
CA CYS A 155 -9.40 3.03 17.45
C CYS A 155 -10.76 3.62 17.79
N PHE A 156 -11.76 3.35 16.97
CA PHE A 156 -13.06 3.98 17.22
C PHE A 156 -13.72 3.47 18.49
N PHE A 157 -13.56 2.18 18.80
CA PHE A 157 -14.27 1.59 19.94
C PHE A 157 -13.41 1.49 21.20
N GLU A 158 -12.23 2.11 21.18
CA GLU A 158 -11.33 2.08 22.34
C GLU A 158 -12.06 2.52 23.61
N ASP A 159 -12.96 3.49 23.48
CA ASP A 159 -13.66 4.05 24.61
C ASP A 159 -15.14 3.70 24.62
N LYS A 160 -15.49 2.58 23.99
CA LYS A 160 -16.89 2.15 23.88
C LYS A 160 -17.01 0.67 24.21
N ARG A 161 -18.20 0.26 24.62
CA ARG A 161 -18.41 -1.13 25.02
C ARG A 161 -18.64 -2.03 23.81
N LEU A 162 -17.84 -3.09 23.73
CA LEU A 162 -17.97 -4.11 22.69
C LEU A 162 -18.52 -5.40 23.27
N SER A 163 -19.27 -6.12 22.46
CA SER A 163 -19.69 -7.47 22.80
C SER A 163 -18.53 -8.42 22.53
N LEU A 164 -18.67 -9.66 22.99
CA LEU A 164 -17.66 -10.68 22.75
C LEU A 164 -17.48 -10.90 21.25
N ASN A 165 -18.58 -11.04 20.52
CA ASN A 165 -18.47 -11.25 19.07
C ASN A 165 -17.78 -10.08 18.36
N GLU A 166 -18.06 -8.87 18.82
CA GLU A 166 -17.43 -7.68 18.26
C GLU A 166 -15.94 -7.62 18.56
N LEU A 167 -15.58 -8.00 19.79
CA LEU A 167 -14.18 -8.02 20.18
C LEU A 167 -13.42 -9.09 19.38
N GLU A 168 -14.05 -10.25 19.18
CA GLU A 168 -13.47 -11.29 18.34
C GLU A 168 -13.25 -10.79 16.91
N PHE A 169 -14.25 -10.08 16.37
CA PHE A 169 -14.16 -9.54 15.01
C PHE A 169 -12.97 -8.57 14.92
N LEU A 170 -12.90 -7.68 15.89
CA LEU A 170 -11.83 -6.68 15.95
C LEU A 170 -10.47 -7.36 15.83
N HIS A 171 -10.20 -8.30 16.72
CA HIS A 171 -8.87 -8.90 16.77
C HIS A 171 -8.59 -9.82 15.59
N THR A 172 -9.61 -10.53 15.12
CA THR A 172 -9.39 -11.38 13.96
C THR A 172 -8.95 -10.53 12.77
N HIS A 173 -9.52 -9.34 12.63
CA HIS A 173 -9.16 -8.51 11.49
C HIS A 173 -7.85 -7.76 11.74
N LYS A 174 -7.70 -7.20 12.95
CA LYS A 174 -6.55 -6.35 13.23
C LYS A 174 -5.22 -7.11 13.18
N THR A 175 -5.18 -8.30 13.78
CA THR A 175 -3.92 -9.06 13.81
C THR A 175 -3.98 -10.46 13.24
N ALA A 176 -5.11 -11.15 13.40
CA ALA A 176 -5.09 -12.57 13.02
C ALA A 176 -5.02 -12.77 11.51
N ARG A 177 -5.68 -11.91 10.74
CA ARG A 177 -5.70 -12.14 9.30
C ARG A 177 -4.31 -12.04 8.66
N LEU A 178 -3.48 -11.12 9.13
CA LEU A 178 -2.13 -10.99 8.57
C LEU A 178 -1.24 -12.19 8.96
N ILE A 179 -1.43 -12.72 10.18
CA ILE A 179 -0.73 -13.94 10.61
C ILE A 179 -1.16 -15.14 9.74
N ALA A 180 -2.47 -15.29 9.55
CA ALA A 180 -3.00 -16.32 8.65
C ALA A 180 -2.46 -16.14 7.22
N ALA A 181 -2.39 -14.89 6.78
CA ALA A 181 -1.86 -14.61 5.44
C ALA A 181 -0.41 -15.05 5.29
N ALA A 182 0.40 -14.86 6.34
CA ALA A 182 1.80 -15.26 6.25
C ALA A 182 1.90 -16.76 5.98
N LEU A 183 1.12 -17.55 6.73
CA LEU A 183 1.10 -19.00 6.53
C LEU A 183 0.57 -19.35 5.14
N LYS A 184 -0.55 -18.75 4.74
CA LYS A 184 -1.14 -19.07 3.44
C LYS A 184 -0.20 -18.69 2.29
N GLY A 186 3.05 -18.74 2.38
CA GLY A 186 4.03 -19.83 2.29
C GLY A 186 3.47 -20.97 1.44
N CYS A 187 2.20 -21.29 1.64
CA CYS A 187 1.56 -22.37 0.88
C CYS A 187 1.49 -22.01 -0.60
N GLU A 188 1.16 -20.75 -0.88
CA GLU A 188 1.02 -20.32 -2.27
C GLU A 188 2.36 -20.34 -3.02
N ILE A 189 3.44 -19.94 -2.34
CA ILE A 189 4.77 -20.07 -2.95
C ILE A 189 5.03 -21.51 -3.40
N CYS A 190 4.62 -22.45 -2.56
CA CYS A 190 4.84 -23.88 -2.80
C CYS A 190 3.80 -24.52 -3.71
N GLU A 191 2.80 -23.73 -4.11
CA GLU A 191 1.69 -24.22 -4.93
C GLU A 191 1.00 -25.41 -4.25
N LEU A 192 0.85 -25.31 -2.92
CA LEU A 192 0.13 -26.32 -2.16
C LEU A 192 -1.35 -26.28 -2.51
N ASN A 193 -1.99 -27.44 -2.50
CA ASN A 193 -3.40 -27.51 -2.84
C ASN A 193 -4.26 -26.60 -1.95
N ASN A 194 -5.40 -26.19 -2.47
CA ASN A 194 -6.29 -25.29 -1.73
C ASN A 194 -6.79 -25.86 -0.42
N GLU A 195 -7.01 -27.17 -0.36
CA GLU A 195 -7.59 -27.74 0.85
C GLU A 195 -6.64 -27.57 2.04
N GLU A 196 -5.38 -27.96 1.87
CA GLU A 196 -4.43 -27.81 2.97
C GLU A 196 -4.10 -26.34 3.20
N SER A 197 -4.06 -25.54 2.12
CA SER A 197 -3.75 -24.12 2.28
C SER A 197 -4.83 -23.44 3.11
N ASN A 198 -6.09 -23.78 2.87
CA ASN A 198 -7.18 -23.17 3.62
C ASN A 198 -7.14 -23.61 5.09
N GLN A 199 -6.78 -24.86 5.34
CA GLN A 199 -6.66 -25.34 6.72
C GLN A 199 -5.58 -24.58 7.47
N ILE A 200 -4.48 -24.30 6.77
CA ILE A 200 -3.35 -23.62 7.40
C ILE A 200 -3.69 -22.14 7.66
N TYR A 201 -4.41 -21.50 6.73
CA TYR A 201 -4.91 -20.15 6.98
C TYR A 201 -5.79 -20.12 8.25
N LYS A 202 -6.69 -21.09 8.37
CA LYS A 202 -7.55 -21.15 9.55
C LYS A 202 -6.77 -21.36 10.84
N LEU A 203 -5.67 -22.12 10.77
CA LEU A 203 -4.80 -22.27 11.94
C LEU A 203 -4.18 -20.93 12.31
N GLY A 204 -3.73 -20.18 11.31
CA GLY A 204 -3.22 -18.83 11.57
C GLY A 204 -4.24 -17.93 12.28
N LEU A 205 -5.50 -18.01 11.87
CA LEU A 205 -6.54 -17.20 12.52
C LEU A 205 -6.65 -17.56 13.99
N LYS A 206 -6.58 -18.86 14.26
CA LYS A 206 -6.70 -19.33 15.64
C LYS A 206 -5.51 -18.86 16.49
N LEU A 207 -4.31 -18.94 15.92
CA LEU A 207 -3.12 -18.49 16.63
C LEU A 207 -3.24 -17.02 16.96
N GLY A 208 -3.70 -16.23 15.99
CA GLY A 208 -3.86 -14.80 16.22
C GLY A 208 -4.77 -14.52 17.39
N LEU A 209 -5.90 -15.22 17.44
CA LEU A 209 -6.87 -15.06 18.53
C LEU A 209 -6.27 -15.49 19.87
N ILE A 210 -5.60 -16.64 19.87
CA ILE A 210 -4.96 -17.14 21.07
C ILE A 210 -3.99 -16.09 21.63
N PHE A 211 -3.21 -15.47 20.74
CA PHE A 211 -2.22 -14.51 21.21
C PHE A 211 -2.88 -13.33 21.91
N GLN A 212 -4.00 -12.86 21.36
CA GLN A 212 -4.69 -11.71 21.94
CA GLN A 212 -4.68 -11.70 21.94
C GLN A 212 -5.36 -12.04 23.27
N ILE A 213 -5.97 -13.22 23.36
CA ILE A 213 -6.57 -13.64 24.63
C ILE A 213 -5.48 -13.75 25.67
N ASN A 214 -4.35 -14.34 25.29
CA ASN A 214 -3.20 -14.47 26.17
C ASN A 214 -2.73 -13.13 26.70
N ASP A 215 -2.69 -12.12 25.82
CA ASP A 215 -2.31 -10.77 26.24
C ASP A 215 -3.28 -10.19 27.27
N ASP A 216 -4.58 -10.38 27.06
CA ASP A 216 -5.57 -9.87 28.00
C ASP A 216 -5.43 -10.56 29.37
N ILE A 217 -5.05 -11.84 29.34
CA ILE A 217 -4.88 -12.58 30.59
C ILE A 217 -3.63 -12.05 31.31
N ILE A 218 -2.57 -11.86 30.54
CA ILE A 218 -1.31 -11.37 31.10
C ILE A 218 -1.45 -9.98 31.71
N ASP A 219 -2.28 -9.13 31.12
CA ASP A 219 -2.46 -7.77 31.62
C ASP A 219 -3.04 -7.74 33.04
N VAL A 220 -3.96 -8.66 33.34
CA VAL A 220 -4.55 -8.72 34.67
C VAL A 220 -3.67 -9.50 35.65
N THR A 221 -2.67 -10.21 35.12
CA THR A 221 -1.71 -10.90 35.98
C THR A 221 -0.48 -10.03 36.19
N ASN A 238 -12.01 -2.73 26.69
CA ASN A 238 -12.55 -4.00 26.22
C ASN A 238 -11.53 -5.11 26.28
N SER A 239 -11.81 -6.15 27.06
CA SER A 239 -10.88 -7.28 27.09
C SER A 239 -11.62 -8.60 27.25
N PHE A 240 -10.98 -9.68 26.83
CA PHE A 240 -11.58 -10.99 26.92
C PHE A 240 -11.79 -11.38 28.38
N VAL A 241 -10.92 -10.89 29.25
CA VAL A 241 -11.02 -11.17 30.68
C VAL A 241 -12.22 -10.46 31.30
N ASN A 242 -12.43 -9.22 30.91
CA ASN A 242 -13.58 -8.45 31.41
C ASN A 242 -14.90 -9.09 31.00
N LEU A 243 -14.97 -9.56 29.77
CA LEU A 243 -16.20 -10.12 29.23
C LEU A 243 -16.45 -11.54 29.74
N LEU A 244 -15.40 -12.34 29.80
CA LEU A 244 -15.54 -13.76 30.12
C LEU A 244 -15.24 -14.07 31.57
N GLY A 245 -14.46 -13.21 32.22
CA GLY A 245 -13.93 -13.53 33.53
C GLY A 245 -12.62 -14.25 33.33
N LEU A 246 -11.66 -14.03 34.23
CA LEU A 246 -10.33 -14.59 34.08
C LEU A 246 -10.38 -16.10 33.91
N GLU A 247 -11.18 -16.76 34.75
CA GLU A 247 -11.33 -18.20 34.72
C GLU A 247 -11.71 -18.71 33.33
N GLN A 248 -12.78 -18.16 32.78
CA GLN A 248 -13.27 -18.57 31.48
C GLN A 248 -12.35 -18.12 30.34
N ALA A 249 -11.66 -16.99 30.52
CA ALA A 249 -10.73 -16.54 29.49
C ALA A 249 -9.56 -17.52 29.37
N ILE A 250 -9.02 -17.92 30.51
CA ILE A 250 -7.93 -18.89 30.52
C ILE A 250 -8.40 -20.20 29.93
N LYS A 251 -9.58 -20.63 30.32
CA LYS A 251 -10.16 -21.87 29.82
C LYS A 251 -10.35 -21.81 28.31
N THR A 252 -10.73 -20.64 27.81
CA THR A 252 -10.91 -20.44 26.38
C THR A 252 -9.58 -20.53 25.63
N LYS A 253 -8.57 -19.84 26.15
CA LYS A 253 -7.25 -19.91 25.54
C LYS A 253 -6.75 -21.35 25.56
N GLU A 254 -6.96 -22.06 26.66
CA GLU A 254 -6.48 -23.43 26.76
C GLU A 254 -7.21 -24.35 25.80
N ASN A 255 -8.53 -24.18 25.68
CA ASN A 255 -9.29 -24.93 24.68
C ASN A 255 -8.78 -24.70 23.26
N LEU A 256 -8.55 -23.42 22.93
CA LEU A 256 -8.06 -23.05 21.62
C LEU A 256 -6.68 -23.64 21.34
N LEU A 257 -5.79 -23.60 22.33
CA LEU A 257 -4.47 -24.22 22.21
C LEU A 257 -4.55 -25.74 21.99
N ASN A 258 -5.46 -26.41 22.67
CA ASN A 258 -5.65 -27.85 22.44
C ASN A 258 -6.13 -28.12 21.02
N GLU A 259 -7.03 -27.28 20.52
CA GLU A 259 -7.46 -27.41 19.13
C GLU A 259 -6.27 -27.20 18.19
N CYS A 260 -5.46 -26.19 18.48
CA CYS A 260 -4.29 -25.95 17.65
CA CYS A 260 -4.26 -25.92 17.71
C CYS A 260 -3.33 -27.14 17.67
N GLU A 261 -3.19 -27.79 18.82
CA GLU A 261 -2.36 -28.98 18.93
C GLU A 261 -2.82 -30.07 17.95
N GLN A 262 -4.14 -30.25 17.87
CA GLN A 262 -4.70 -31.22 16.94
C GLN A 262 -4.47 -30.81 15.48
N ASP A 263 -4.64 -29.52 15.21
CA ASP A 263 -4.43 -28.98 13.88
C ASP A 263 -2.96 -29.12 13.45
N LEU A 264 -2.05 -28.94 14.39
CA LEU A 264 -0.63 -29.06 14.07
C LEU A 264 -0.26 -30.50 13.73
N GLU A 265 -0.92 -31.47 14.38
CA GLU A 265 -0.68 -32.88 14.10
C GLU A 265 -1.02 -33.25 12.66
N LYS A 266 -1.85 -32.43 12.02
CA LYS A 266 -2.23 -32.66 10.63
C LYS A 266 -1.27 -32.05 9.60
N LEU A 267 -0.26 -31.34 10.08
CA LEU A 267 0.78 -30.79 9.21
C LEU A 267 1.96 -31.74 9.15
N ASN A 268 2.80 -31.55 8.13
CA ASN A 268 4.09 -32.22 8.13
C ASN A 268 4.78 -32.03 9.48
N GLU A 269 5.34 -33.11 10.03
CA GLU A 269 5.89 -33.07 11.38
C GLU A 269 6.95 -31.98 11.56
N LYS A 270 7.76 -31.75 10.53
CA LYS A 270 8.81 -30.74 10.66
C LYS A 270 8.22 -29.33 10.71
N LEU A 271 7.21 -29.10 9.88
CA LEU A 271 6.49 -27.82 9.90
C LEU A 271 5.78 -27.62 11.22
N ALA A 272 5.14 -28.66 11.73
CA ALA A 272 4.44 -28.55 13.01
C ALA A 272 5.40 -28.13 14.12
N GLN A 273 6.58 -28.74 14.15
CA GLN A 273 7.58 -28.40 15.17
C GLN A 273 8.08 -26.94 15.03
N ILE A 275 6.42 -24.41 13.78
CA ILE A 275 5.38 -23.50 14.22
C ILE A 275 5.27 -23.53 15.74
N GLN A 276 5.38 -24.71 16.33
CA GLN A 276 5.36 -24.84 17.79
C GLN A 276 6.44 -23.95 18.41
N ASN A 277 7.63 -23.97 17.82
CA ASN A 277 8.73 -23.15 18.33
C ASN A 277 8.38 -21.66 18.25
N LEU A 278 7.79 -21.23 17.15
CA LEU A 278 7.45 -19.81 16.98
C LEU A 278 6.32 -19.38 17.91
N ILE A 279 5.38 -20.31 18.15
CA ILE A 279 4.27 -20.12 19.10
C ILE A 279 4.78 -19.98 20.53
N ILE A 280 5.56 -20.97 20.98
CA ILE A 280 6.10 -20.99 22.33
C ILE A 280 6.90 -19.71 22.55
N GLN A 281 7.70 -19.36 21.54
CA GLN A 281 8.40 -18.08 21.55
C GLN A 281 7.44 -16.94 21.83
N TYR A 282 6.31 -16.95 21.13
CA TYR A 282 5.38 -15.82 21.21
C TYR A 282 4.70 -15.77 22.57
N LEU A 283 4.13 -16.88 23.01
CA LEU A 283 3.46 -16.97 24.30
C LEU A 283 4.41 -16.58 25.44
N SER B 2 -23.29 5.87 -27.43
CA SER B 2 -22.02 6.41 -27.91
C SER B 2 -20.97 6.31 -26.83
N LEU B 3 -19.70 6.41 -27.23
CA LEU B 3 -18.59 6.22 -26.30
C LEU B 3 -18.19 7.51 -25.61
N ASN B 4 -18.20 7.47 -24.28
CA ASN B 4 -17.75 8.59 -23.46
C ASN B 4 -16.93 8.05 -22.30
N LEU B 5 -15.62 8.25 -22.35
CA LEU B 5 -14.70 7.60 -21.41
C LEU B 5 -14.84 8.17 -20.01
N LYS B 6 -15.14 9.46 -19.92
CA LYS B 6 -15.35 10.10 -18.62
C LYS B 6 -16.53 9.48 -17.89
N GLU B 7 -17.67 9.39 -18.58
CA GLU B 7 -18.87 8.78 -18.01
C GLU B 7 -18.67 7.29 -17.72
N LEU B 8 -18.01 6.60 -18.65
CA LEU B 8 -17.75 5.18 -18.49
C LEU B 8 -16.99 4.91 -17.19
N PHE B 9 -15.96 5.72 -16.94
CA PHE B 9 -15.15 5.50 -15.76
C PHE B 9 -15.90 5.90 -14.50
N ILE B 10 -16.61 7.03 -14.56
CA ILE B 10 -17.38 7.47 -13.40
C ILE B 10 -18.36 6.39 -12.98
N HIS B 11 -19.06 5.81 -13.95
CA HIS B 11 -20.01 4.75 -13.64
C HIS B 11 -19.30 3.53 -13.07
N HIS B 12 -18.13 3.20 -13.61
CA HIS B 12 -17.36 2.07 -13.11
C HIS B 12 -16.95 2.31 -11.65
N LEU B 13 -16.48 3.52 -11.36
CA LEU B 13 -16.07 3.88 -10.02
C LEU B 13 -17.24 3.77 -9.04
N GLU B 14 -18.39 4.29 -9.46
CA GLU B 14 -19.55 4.32 -8.57
C GLU B 14 -20.09 2.92 -8.25
N LYS B 15 -19.91 1.99 -9.20
CA LYS B 15 -20.36 0.61 -9.04
C LYS B 15 -19.36 -0.25 -8.28
N ASN B 16 -18.15 0.28 -8.08
CA ASN B 16 -17.07 -0.53 -7.52
C ASN B 16 -16.35 0.16 -6.36
N LEU B 17 -17.12 0.88 -5.56
CA LEU B 17 -16.56 1.53 -4.39
C LEU B 17 -16.04 0.47 -3.44
N PRO B 18 -14.85 0.71 -2.88
CA PRO B 18 -14.27 -0.24 -1.92
C PRO B 18 -15.06 -0.23 -0.62
N LYS B 19 -15.34 -1.41 -0.09
CA LYS B 19 -16.10 -1.50 1.15
C LYS B 19 -15.91 -2.85 1.81
N VAL B 20 -16.14 -2.88 3.11
CA VAL B 20 -16.05 -4.12 3.88
C VAL B 20 -17.23 -4.16 4.83
N GLU B 21 -17.85 -5.32 4.95
CA GLU B 21 -18.94 -5.48 5.90
C GLU B 21 -18.39 -5.47 7.34
N SER B 22 -18.86 -4.56 8.17
CA SER B 22 -18.43 -4.54 9.57
C SER B 22 -19.38 -3.68 10.39
N PHE B 23 -19.18 -3.69 11.71
CA PHE B 23 -19.99 -2.88 12.60
C PHE B 23 -19.41 -1.47 12.81
N HIS B 24 -18.35 -1.16 12.07
CA HIS B 24 -17.84 0.22 12.09
C HIS B 24 -18.92 1.13 11.50
N PRO B 25 -19.31 2.19 12.23
CA PRO B 25 -20.50 2.91 11.77
C PRO B 25 -20.28 3.81 10.55
N PHE B 26 -19.04 4.10 10.16
CA PHE B 26 -18.86 5.01 9.04
C PHE B 26 -17.68 4.74 8.12
N PHE B 27 -16.95 3.65 8.35
CA PHE B 27 -15.74 3.46 7.53
C PHE B 27 -16.02 3.36 6.04
N ASN B 28 -17.07 2.63 5.66
CA ASN B 28 -17.39 2.54 4.24
C ASN B 28 -17.78 3.88 3.66
N GLU B 29 -18.54 4.66 4.42
CA GLU B 29 -18.92 5.99 3.97
C GLU B 29 -17.68 6.85 3.78
N ALA B 30 -16.75 6.76 4.73
CA ALA B 30 -15.51 7.55 4.65
C ALA B 30 -14.63 7.12 3.47
N LEU B 31 -14.60 5.83 3.16
CA LEU B 31 -13.82 5.30 2.04
C LEU B 31 -14.36 5.85 0.73
N ALA B 32 -15.69 5.89 0.62
CA ALA B 32 -16.33 6.31 -0.62
C ALA B 32 -16.34 7.82 -0.82
N LEU B 33 -16.29 8.56 0.28
CA LEU B 33 -16.58 9.98 0.24
C LEU B 33 -15.72 10.76 -0.76
N LEU B 35 -13.74 9.55 -3.08
CA LEU B 35 -13.84 8.96 -4.41
C LEU B 35 -15.05 9.48 -5.18
N LYS B 36 -16.17 9.62 -4.51
CA LYS B 36 -17.43 10.04 -5.14
C LYS B 36 -17.52 11.54 -5.28
N ALA B 37 -16.83 12.27 -4.42
CA ALA B 37 -17.04 13.72 -4.28
C ALA B 37 -16.68 14.46 -5.55
N GLY B 38 -15.58 14.06 -6.17
CA GLY B 38 -15.12 14.74 -7.35
C GLY B 38 -13.84 14.14 -7.89
N GLY B 39 -13.18 14.88 -8.77
CA GLY B 39 -12.00 14.39 -9.44
C GLY B 39 -12.23 14.43 -10.93
N LYS B 40 -11.28 15.02 -11.64
CA LYS B 40 -11.33 15.11 -13.08
C LYS B 40 -10.92 13.76 -13.72
N HIS B 41 -10.41 12.87 -12.89
CA HIS B 41 -9.92 11.55 -13.30
C HIS B 41 -8.95 11.62 -14.46
N PHE B 42 -8.11 12.64 -14.44
CA PHE B 42 -7.08 12.83 -15.46
C PHE B 42 -6.23 11.58 -15.67
N ARG B 43 -5.76 11.00 -14.57
CA ARG B 43 -4.89 9.84 -14.67
C ARG B 43 -5.63 8.63 -15.25
N ALA B 44 -6.82 8.36 -14.74
CA ALA B 44 -7.67 7.32 -15.34
C ALA B 44 -7.86 7.57 -16.83
N GLN B 45 -8.11 8.82 -17.20
CA GLN B 45 -8.42 9.11 -18.60
C GLN B 45 -7.20 8.97 -19.52
N LEU B 46 -6.02 9.30 -19.02
CA LEU B 46 -4.79 9.09 -19.79
C LEU B 46 -4.63 7.61 -20.12
N LEU B 47 -4.81 6.77 -19.11
CA LEU B 47 -4.68 5.33 -19.31
C LEU B 47 -5.72 4.82 -20.31
N LEU B 48 -6.96 5.20 -20.10
CA LEU B 48 -8.04 4.68 -20.94
C LEU B 48 -7.88 5.19 -22.37
N SER B 49 -7.33 6.39 -22.54
CA SER B 49 -7.08 6.92 -23.87
C SER B 49 -6.09 6.06 -24.62
N VAL B 50 -5.02 5.63 -23.94
CA VAL B 50 -4.03 4.79 -24.59
C VAL B 50 -4.67 3.49 -25.04
N VAL B 51 -5.49 2.90 -24.16
CA VAL B 51 -6.13 1.64 -24.48
C VAL B 51 -7.11 1.79 -25.64
N GLN B 52 -7.96 2.82 -25.57
CA GLN B 52 -8.93 3.04 -26.62
C GLN B 52 -8.27 3.26 -27.98
N SER B 53 -7.10 3.91 -27.99
CA SER B 53 -6.45 4.22 -29.25
C SER B 53 -5.63 3.06 -29.83
N ASN B 54 -5.36 2.04 -29.03
CA ASN B 54 -4.52 0.93 -29.46
C ASN B 54 -5.22 -0.41 -29.53
N LYS B 55 -5.93 -0.75 -28.45
CA LYS B 55 -6.69 -1.99 -28.37
C LYS B 55 -8.04 -1.74 -27.71
N PRO B 56 -8.98 -1.13 -28.46
CA PRO B 56 -10.28 -0.76 -27.89
C PRO B 56 -11.04 -1.94 -27.30
N GLU B 57 -10.77 -3.14 -27.81
CA GLU B 57 -11.41 -4.34 -27.27
C GLU B 57 -11.07 -4.58 -25.80
N LEU B 58 -10.01 -3.93 -25.31
CA LEU B 58 -9.60 -4.10 -23.91
C LEU B 58 -10.12 -2.99 -23.00
N LEU B 59 -10.92 -2.08 -23.54
CA LEU B 59 -11.33 -0.91 -22.75
C LEU B 59 -12.02 -1.29 -21.44
N ASN B 60 -12.98 -2.23 -21.49
CA ASN B 60 -13.70 -2.58 -20.27
C ASN B 60 -12.76 -3.21 -19.25
N GLN B 61 -11.85 -4.06 -19.72
CA GLN B 61 -10.88 -4.71 -18.85
C GLN B 61 -9.88 -3.72 -18.27
N ALA B 62 -9.69 -2.59 -18.95
CA ALA B 62 -8.79 -1.55 -18.46
C ALA B 62 -9.40 -0.72 -17.33
N LEU B 63 -10.72 -0.76 -17.21
CA LEU B 63 -11.38 0.07 -16.18
C LEU B 63 -10.84 -0.17 -14.75
N ASP B 64 -10.58 -1.43 -14.39
CA ASP B 64 -10.06 -1.74 -13.06
C ASP B 64 -8.66 -1.17 -12.86
N VAL B 65 -7.89 -1.10 -13.94
CA VAL B 65 -6.55 -0.51 -13.86
C VAL B 65 -6.63 0.99 -13.64
N ALA B 66 -7.51 1.66 -14.39
CA ALA B 66 -7.78 3.07 -14.16
C ALA B 66 -8.26 3.30 -12.72
N LEU B 67 -9.07 2.37 -12.21
CA LEU B 67 -9.60 2.49 -10.86
C LEU B 67 -8.47 2.47 -9.84
N ALA B 68 -7.52 1.55 -10.04
CA ALA B 68 -6.36 1.45 -9.14
C ALA B 68 -5.57 2.76 -9.11
N LEU B 69 -5.37 3.36 -10.29
CA LEU B 69 -4.70 4.67 -10.38
C LEU B 69 -5.43 5.73 -9.56
N GLU B 70 -6.75 5.77 -9.67
CA GLU B 70 -7.50 6.78 -8.95
C GLU B 70 -7.55 6.51 -7.44
N PHE B 71 -7.55 5.23 -7.05
CA PHE B 71 -7.41 4.90 -5.62
C PHE B 71 -6.09 5.47 -5.07
N ILE B 72 -4.98 5.28 -5.79
CA ILE B 72 -3.70 5.81 -5.35
C ILE B 72 -3.76 7.33 -5.27
N HIS B 73 -4.27 7.96 -6.32
CA HIS B 73 -4.33 9.41 -6.36
C HIS B 73 -5.17 9.94 -5.20
N THR B 74 -6.32 9.33 -4.97
CA THR B 74 -7.18 9.78 -3.89
C THR B 74 -6.53 9.60 -2.51
N TYR B 75 -5.88 8.45 -2.28
CA TYR B 75 -5.25 8.25 -0.99
C TYR B 75 -4.20 9.36 -0.77
N SER B 76 -3.46 9.68 -1.83
CA SER B 76 -2.41 10.70 -1.71
C SER B 76 -3.00 12.05 -1.32
N LEU B 77 -4.16 12.39 -1.88
CA LEU B 77 -4.80 13.67 -1.56
C LEU B 77 -5.25 13.70 -0.11
N ILE B 78 -5.79 12.59 0.36
CA ILE B 78 -6.26 12.50 1.74
C ILE B 78 -5.10 12.67 2.71
N HIS B 79 -4.00 11.98 2.47
CA HIS B 79 -2.86 12.14 3.37
C HIS B 79 -2.23 13.54 3.27
N ASP B 80 -2.12 14.05 2.04
CA ASP B 80 -1.46 15.34 1.86
C ASP B 80 -2.24 16.46 2.53
N ASP B 81 -3.56 16.27 2.65
CA ASP B 81 -4.44 17.29 3.22
C ASP B 81 -4.38 17.32 4.76
N LEU B 82 -3.76 16.29 5.35
CA LEU B 82 -3.71 16.17 6.82
C LEU B 82 -3.07 17.39 7.47
N PRO B 83 -3.46 17.68 8.73
CA PRO B 83 -2.86 18.81 9.44
C PRO B 83 -1.33 18.82 9.45
N ALA B 84 -0.68 17.66 9.52
CA ALA B 84 0.78 17.62 9.55
C ALA B 84 1.38 18.13 8.25
N ASP B 86 -0.44 19.56 4.36
CA ASP B 86 -1.08 20.76 3.82
C ASP B 86 -2.13 21.38 4.72
N ASN B 87 -2.68 20.59 5.64
CA ASN B 87 -3.65 21.12 6.60
C ASN B 87 -4.83 21.80 5.90
N ALA B 88 -5.46 21.06 4.99
CA ALA B 88 -6.57 21.59 4.20
C ALA B 88 -7.92 21.28 4.83
N ASP B 89 -8.82 22.27 4.83
CA ASP B 89 -10.16 22.09 5.39
C ASP B 89 -11.14 21.56 4.35
N PHE B 90 -10.84 21.74 3.08
CA PHE B 90 -11.71 21.29 2.00
C PHE B 90 -10.95 20.67 0.84
N ARG B 91 -11.61 19.76 0.15
CA ARG B 91 -11.05 19.08 -1.01
C ARG B 91 -12.21 18.63 -1.89
N ARG B 92 -12.11 18.87 -3.20
CA ARG B 92 -13.12 18.38 -4.13
C ARG B 92 -14.51 18.87 -3.75
N GLY B 93 -14.58 20.07 -3.19
CA GLY B 93 -15.85 20.70 -2.92
C GLY B 93 -16.51 20.33 -1.59
N ILE B 94 -15.85 19.46 -0.82
CA ILE B 94 -16.39 19.02 0.45
C ILE B 94 -15.32 19.13 1.55
N PRO B 95 -15.74 19.05 2.81
CA PRO B 95 -14.75 19.04 3.89
C PRO B 95 -13.84 17.84 3.77
N THR B 96 -12.58 18.02 4.18
CA THR B 96 -11.62 16.91 4.17
C THR B 96 -12.02 15.86 5.20
N LEU B 97 -11.53 14.63 5.02
CA LEU B 97 -11.92 13.52 5.89
C LEU B 97 -11.58 13.75 7.35
N HIS B 98 -10.48 14.44 7.63
CA HIS B 98 -10.12 14.64 9.04
C HIS B 98 -11.03 15.69 9.70
N LYS B 99 -11.72 16.48 8.88
CA LYS B 99 -12.69 17.45 9.41
C LYS B 99 -14.07 16.83 9.56
N SER B 100 -14.46 16.01 8.60
CA SER B 100 -15.77 15.35 8.64
C SER B 100 -15.79 14.22 9.65
N TYR B 101 -14.66 13.54 9.79
CA TYR B 101 -14.52 12.45 10.75
C TYR B 101 -13.45 12.79 11.76
N ASP B 102 -12.23 12.30 11.55
CA ASP B 102 -11.12 12.64 12.42
C ASP B 102 -9.82 12.27 11.74
N GLU B 103 -8.69 12.63 12.34
CA GLU B 103 -7.41 12.34 11.69
C GLU B 103 -7.19 10.85 11.54
N THR B 104 -7.57 10.07 12.55
CA THR B 104 -7.41 8.61 12.48
C THR B 104 -8.09 8.06 11.24
N THR B 105 -9.34 8.47 11.02
CA THR B 105 -10.09 8.00 9.87
C THR B 105 -9.43 8.38 8.55
N ALA B 106 -8.96 9.62 8.45
CA ALA B 106 -8.29 10.09 7.24
C ALA B 106 -7.03 9.26 6.98
N ILE B 107 -6.24 9.04 8.03
CA ILE B 107 -5.03 8.26 7.87
C ILE B 107 -5.37 6.85 7.39
N LEU B 108 -6.33 6.21 8.05
CA LEU B 108 -6.65 4.82 7.76
C LEU B 108 -7.35 4.64 6.42
N VAL B 109 -8.22 5.57 6.04
CA VAL B 109 -8.84 5.49 4.72
C VAL B 109 -7.75 5.61 3.64
N GLY B 110 -6.81 6.52 3.82
CA GLY B 110 -5.73 6.61 2.86
C GLY B 110 -4.93 5.32 2.78
N ASP B 111 -4.62 4.74 3.95
CA ASP B 111 -3.88 3.49 4.00
C ASP B 111 -4.64 2.40 3.25
N ALA B 112 -5.94 2.32 3.51
CA ALA B 112 -6.80 1.34 2.86
C ALA B 112 -6.78 1.49 1.34
N LEU B 113 -6.84 2.73 0.86
CA LEU B 113 -6.90 2.93 -0.59
C LEU B 113 -5.58 2.64 -1.28
N ASN B 114 -4.47 2.92 -0.59
CA ASN B 114 -3.14 2.58 -1.09
C ASN B 114 -3.08 1.06 -1.33
N THR B 115 -3.41 0.29 -0.31
CA THR B 115 -3.37 -1.16 -0.40
C THR B 115 -4.41 -1.67 -1.39
N GLU B 116 -5.60 -1.06 -1.37
CA GLU B 116 -6.69 -1.55 -2.22
C GLU B 116 -6.38 -1.39 -3.71
N ALA B 117 -5.59 -0.38 -4.06
CA ALA B 117 -5.19 -0.22 -5.46
C ALA B 117 -4.52 -1.52 -5.95
N PHE B 118 -3.70 -2.13 -5.11
CA PHE B 118 -3.03 -3.36 -5.52
C PHE B 118 -3.94 -4.59 -5.50
N LEU B 119 -4.92 -4.62 -4.60
CA LEU B 119 -5.92 -5.68 -4.64
C LEU B 119 -6.72 -5.59 -5.94
N VAL B 120 -7.18 -4.41 -6.28
CA VAL B 120 -7.93 -4.23 -7.52
C VAL B 120 -7.10 -4.58 -8.76
N LEU B 121 -5.86 -4.11 -8.80
CA LEU B 121 -5.01 -4.44 -9.94
C LEU B 121 -4.83 -5.94 -10.06
N SER B 122 -4.59 -6.61 -8.92
CA SER B 122 -4.30 -8.04 -8.96
C SER B 122 -5.51 -8.86 -9.43
N HIS B 123 -6.71 -8.30 -9.28
CA HIS B 123 -7.95 -8.96 -9.68
C HIS B 123 -8.44 -8.57 -11.06
N ALA B 124 -7.69 -7.71 -11.75
CA ALA B 124 -8.09 -7.27 -13.08
C ALA B 124 -8.26 -8.44 -14.05
N HIS B 125 -9.13 -8.22 -15.04
CA HIS B 125 -9.41 -9.27 -16.02
C HIS B 125 -8.40 -9.19 -17.16
N LEU B 126 -7.15 -9.44 -16.79
CA LEU B 126 -6.01 -9.40 -17.72
C LEU B 126 -5.07 -10.54 -17.35
N LYS B 127 -4.23 -10.93 -18.30
CA LYS B 127 -3.24 -12.00 -18.05
C LYS B 127 -2.35 -11.66 -16.88
N ASP B 128 -1.96 -12.67 -16.11
CA ASP B 128 -1.08 -12.43 -14.96
C ASP B 128 0.21 -11.71 -15.32
N GLU B 129 0.80 -12.04 -16.47
CA GLU B 129 2.04 -11.38 -16.89
C GLU B 129 1.85 -9.88 -17.05
N ILE B 130 0.71 -9.49 -17.59
CA ILE B 130 0.40 -8.08 -17.74
C ILE B 130 0.15 -7.44 -16.38
N LYS B 131 -0.58 -8.14 -15.51
CA LYS B 131 -0.90 -7.55 -14.21
C LYS B 131 0.37 -7.33 -13.38
N ILE B 132 1.33 -8.25 -13.45
CA ILE B 132 2.58 -8.04 -12.73
C ILE B 132 3.32 -6.79 -13.26
N LYS B 133 3.33 -6.60 -14.59
CA LYS B 133 3.96 -5.40 -15.15
C LYS B 133 3.26 -4.15 -14.62
N LEU B 134 1.93 -4.18 -14.58
CA LEU B 134 1.15 -3.02 -14.13
C LEU B 134 1.45 -2.70 -12.66
N ILE B 135 1.54 -3.75 -11.86
CA ILE B 135 1.83 -3.58 -10.43
C ILE B 135 3.23 -2.99 -10.21
N LYS B 136 4.21 -3.50 -10.96
CA LYS B 136 5.55 -2.93 -10.90
C LYS B 136 5.52 -1.44 -11.24
N THR B 137 4.82 -1.10 -12.31
CA THR B 137 4.78 0.30 -12.74
C THR B 137 4.10 1.17 -11.68
N LEU B 138 2.98 0.70 -11.14
CA LEU B 138 2.26 1.54 -10.18
C LEU B 138 3.05 1.68 -8.89
N ALA B 139 3.58 0.58 -8.37
CA ALA B 139 4.26 0.65 -7.08
C ALA B 139 5.55 1.44 -7.15
N PHE B 140 6.25 1.38 -8.29
CA PHE B 140 7.47 2.15 -8.43
C PHE B 140 7.14 3.64 -8.44
N ASN B 141 6.19 4.02 -9.30
CA ASN B 141 5.90 5.44 -9.50
C ASN B 141 5.05 6.09 -8.40
N ALA B 142 4.22 5.31 -7.72
CA ALA B 142 3.39 5.82 -6.63
C ALA B 142 4.10 5.77 -5.27
N GLY B 143 5.19 5.01 -5.21
CA GLY B 143 5.88 4.79 -3.94
C GLY B 143 7.08 5.68 -3.70
N LEU B 144 8.03 5.16 -2.93
CA LEU B 144 9.21 5.95 -2.58
C LEU B 144 10.05 6.36 -3.79
N ASN B 145 9.93 5.63 -4.90
CA ASN B 145 10.67 6.01 -6.10
C ASN B 145 10.03 7.13 -6.91
N GLY B 146 8.85 7.57 -6.46
CA GLY B 146 8.14 8.61 -7.18
C GLY B 146 7.37 9.52 -6.26
N VAL B 148 5.94 9.45 -3.34
CA VAL B 148 6.20 9.65 -1.91
C VAL B 148 7.47 10.47 -1.67
N ILE B 149 8.54 10.20 -2.40
CA ILE B 149 9.75 11.01 -2.16
C ILE B 149 9.50 12.45 -2.61
N GLY B 150 8.70 12.61 -3.66
CA GLY B 150 8.38 13.96 -4.11
C GLY B 150 7.62 14.74 -3.04
N GLN B 151 6.65 14.08 -2.41
CA GLN B 151 5.90 14.71 -1.33
C GLN B 151 6.80 14.99 -0.13
N ALA B 152 7.66 14.04 0.23
CA ALA B 152 8.56 14.25 1.37
C ALA B 152 9.46 15.46 1.12
N ILE B 153 10.00 15.55 -0.08
CA ILE B 153 10.83 16.69 -0.44
C ILE B 153 10.04 18.01 -0.43
N ASP B 154 8.84 17.99 -1.01
CA ASP B 154 8.00 19.18 -1.01
C ASP B 154 7.76 19.69 0.42
N CYS B 155 7.39 18.78 1.31
CA CYS B 155 7.12 19.17 2.69
C CYS B 155 8.38 19.63 3.43
N PHE B 156 9.46 18.88 3.29
CA PHE B 156 10.67 19.17 4.07
C PHE B 156 11.29 20.50 3.66
N PHE B 157 11.23 20.81 2.37
CA PHE B 157 11.92 22.01 1.86
C PHE B 157 11.02 23.25 1.77
N GLU B 158 9.80 23.15 2.28
CA GLU B 158 8.88 24.29 2.23
C GLU B 158 9.46 25.52 2.94
N ASP B 159 10.26 25.31 3.99
CA ASP B 159 10.83 26.43 4.73
C ASP B 159 12.30 26.62 4.38
N LYS B 160 12.69 26.10 3.23
CA LYS B 160 14.10 26.13 2.81
C LYS B 160 14.17 26.58 1.36
N ARG B 161 15.35 26.51 0.75
CA ARG B 161 15.50 26.96 -0.63
C ARG B 161 16.03 25.84 -1.51
N LEU B 162 15.46 25.73 -2.71
CA LEU B 162 15.85 24.74 -3.72
C LEU B 162 16.42 25.41 -4.96
N SER B 163 17.39 24.74 -5.61
CA SER B 163 17.87 25.16 -6.92
C SER B 163 16.85 24.73 -7.96
N LEU B 164 17.01 25.21 -9.18
CA LEU B 164 16.11 24.83 -10.26
C LEU B 164 16.13 23.31 -10.49
N ASN B 165 17.31 22.73 -10.54
CA ASN B 165 17.41 21.27 -10.71
C ASN B 165 16.70 20.50 -9.58
N GLU B 166 16.85 20.98 -8.34
CA GLU B 166 16.19 20.35 -7.20
C GLU B 166 14.67 20.51 -7.31
N LEU B 167 14.22 21.66 -7.77
CA LEU B 167 12.79 21.90 -7.92
C LEU B 167 12.21 21.00 -9.01
N GLU B 168 12.93 20.84 -10.11
CA GLU B 168 12.49 19.93 -11.17
C GLU B 168 12.42 18.49 -10.66
N PHE B 169 13.42 18.08 -9.88
CA PHE B 169 13.42 16.74 -9.27
C PHE B 169 12.18 16.56 -8.41
N LEU B 170 11.92 17.56 -7.58
CA LEU B 170 10.77 17.52 -6.67
C LEU B 170 9.48 17.24 -7.44
N HIS B 171 9.18 18.09 -8.42
CA HIS B 171 7.92 17.97 -9.13
C HIS B 171 7.85 16.76 -10.03
N THR B 172 8.98 16.39 -10.62
CA THR B 172 8.99 15.21 -11.46
C THR B 172 8.58 14.01 -10.64
N HIS B 173 9.07 13.95 -9.39
CA HIS B 173 8.72 12.82 -8.54
C HIS B 173 7.32 12.94 -7.94
N LYS B 174 6.99 14.14 -7.45
CA LYS B 174 5.73 14.34 -6.74
C LYS B 174 4.53 14.11 -7.64
N THR B 175 4.55 14.61 -8.87
CA THR B 175 3.38 14.46 -9.74
C THR B 175 3.66 13.83 -11.08
N ALA B 176 4.83 14.08 -11.67
CA ALA B 176 5.00 13.65 -13.06
C ALA B 176 5.10 12.12 -13.19
N ARG B 177 5.73 11.47 -12.23
CA ARG B 177 5.90 10.02 -12.30
C ARG B 177 4.58 9.28 -12.38
N LEU B 178 3.62 9.69 -11.57
CA LEU B 178 2.33 9.00 -11.58
C LEU B 178 1.57 9.25 -12.90
N ILE B 179 1.71 10.45 -13.47
CA ILE B 179 1.09 10.77 -14.76
C ILE B 179 1.75 9.91 -15.86
N ALA B 180 3.08 9.83 -15.82
CA ALA B 180 3.81 8.99 -16.76
C ALA B 180 3.44 7.52 -16.59
N ALA B 181 3.24 7.12 -15.34
CA ALA B 181 2.81 5.75 -15.02
C ALA B 181 1.47 5.42 -15.66
N ALA B 182 0.53 6.36 -15.58
CA ALA B 182 -0.80 6.13 -16.16
C ALA B 182 -0.67 5.83 -17.66
N LEU B 183 0.13 6.63 -18.36
CA LEU B 183 0.33 6.42 -19.78
C LEU B 183 1.03 5.09 -20.05
N LYS B 184 2.09 4.81 -19.30
CA LYS B 184 2.83 3.57 -19.50
C LYS B 184 1.95 2.34 -19.22
N GLY B 186 -1.23 2.10 -19.63
CA GLY B 186 -2.05 1.93 -20.84
C GLY B 186 -1.31 1.12 -21.89
N CYS B 187 -0.05 1.46 -22.11
CA CYS B 187 0.79 0.75 -23.07
C CYS B 187 0.97 -0.71 -22.69
N GLU B 188 1.14 -0.95 -21.39
CA GLU B 188 1.35 -2.30 -20.89
C GLU B 188 0.09 -3.18 -21.06
N ILE B 189 -1.08 -2.60 -20.82
CA ILE B 189 -2.33 -3.33 -21.04
C ILE B 189 -2.41 -3.79 -22.50
N CYS B 190 -1.98 -2.91 -23.41
CA CYS B 190 -2.03 -3.18 -24.84
C CYS B 190 -0.86 -4.02 -25.35
N GLU B 191 0.08 -4.34 -24.46
CA GLU B 191 1.27 -5.07 -24.82
C GLU B 191 2.05 -4.40 -25.97
N LEU B 192 2.17 -3.08 -25.89
CA LEU B 192 2.97 -2.34 -26.87
C LEU B 192 4.44 -2.67 -26.67
N ASN B 193 5.24 -2.48 -27.72
CA ASN B 193 6.65 -2.79 -27.58
C ASN B 193 7.32 -1.89 -26.55
N ASN B 194 8.39 -2.40 -25.95
CA ASN B 194 9.03 -1.71 -24.84
C ASN B 194 9.52 -0.32 -25.26
N GLU B 195 9.96 -0.22 -26.50
CA GLU B 195 10.45 1.04 -27.06
C GLU B 195 9.40 2.13 -26.96
N GLU B 196 8.22 1.83 -27.51
CA GLU B 196 7.11 2.77 -27.54
C GLU B 196 6.60 3.08 -26.13
N SER B 197 6.55 2.06 -25.28
CA SER B 197 6.04 2.25 -23.92
C SER B 197 6.98 3.18 -23.16
N ASN B 198 8.28 3.02 -23.41
CA ASN B 198 9.25 3.89 -22.77
C ASN B 198 9.20 5.32 -23.28
N GLN B 199 8.98 5.49 -24.58
CA GLN B 199 8.84 6.82 -25.15
C GLN B 199 7.63 7.54 -24.57
N ILE B 200 6.54 6.81 -24.40
CA ILE B 200 5.32 7.40 -23.88
C ILE B 200 5.49 7.77 -22.40
N TYR B 201 6.17 6.91 -21.64
CA TYR B 201 6.51 7.23 -20.26
C TYR B 201 7.32 8.54 -20.18
N LYS B 202 8.35 8.65 -21.01
CA LYS B 202 9.21 9.85 -20.98
C LYS B 202 8.40 11.09 -21.35
N LEU B 203 7.51 10.97 -22.31
CA LEU B 203 6.62 12.09 -22.64
C LEU B 203 5.76 12.47 -21.45
N GLY B 204 5.26 11.46 -20.75
CA GLY B 204 4.45 11.70 -19.56
C GLY B 204 5.19 12.50 -18.52
N LEU B 205 6.48 12.22 -18.33
CA LEU B 205 7.27 12.97 -17.35
C LEU B 205 7.34 14.43 -17.74
N LYS B 206 7.51 14.69 -19.03
CA LYS B 206 7.61 16.07 -19.49
C LYS B 206 6.27 16.80 -19.34
N LEU B 207 5.18 16.11 -19.70
CA LEU B 207 3.87 16.69 -19.58
C LEU B 207 3.56 17.04 -18.13
N GLY B 208 3.97 16.14 -17.23
CA GLY B 208 3.75 16.40 -15.82
C GLY B 208 4.47 17.64 -15.33
N LEU B 209 5.69 17.86 -15.81
CA LEU B 209 6.42 19.05 -15.40
C LEU B 209 5.73 20.29 -15.98
N ILE B 210 5.36 20.21 -17.25
CA ILE B 210 4.66 21.30 -17.91
C ILE B 210 3.40 21.70 -17.15
N PHE B 211 2.65 20.69 -16.69
CA PHE B 211 1.43 20.97 -15.96
C PHE B 211 1.75 21.75 -14.70
N GLN B 212 2.78 21.34 -13.98
CA GLN B 212 3.13 22.03 -12.75
C GLN B 212 3.57 23.48 -13.00
N ILE B 213 4.38 23.70 -14.02
CA ILE B 213 4.81 25.06 -14.30
C ILE B 213 3.62 25.88 -14.74
N ASN B 214 2.79 25.30 -15.61
CA ASN B 214 1.59 25.96 -16.09
C ASN B 214 0.71 26.42 -14.92
N ASP B 215 0.51 25.51 -13.97
CA ASP B 215 -0.27 25.82 -12.80
C ASP B 215 0.33 26.96 -12.00
N ASP B 216 1.64 26.90 -11.77
CA ASP B 216 2.33 27.98 -11.07
C ASP B 216 2.13 29.31 -11.78
N ILE B 217 2.12 29.28 -13.11
CA ILE B 217 1.92 30.47 -13.92
C ILE B 217 0.50 31.02 -13.79
N ILE B 218 -0.49 30.17 -14.06
CA ILE B 218 -1.89 30.56 -13.98
C ILE B 218 -2.20 31.20 -12.63
N ASP B 219 -1.34 30.95 -11.64
CA ASP B 219 -1.48 31.59 -10.33
C ASP B 219 -1.01 33.04 -10.39
N ASN B 238 6.74 25.82 -3.13
CA ASN B 238 7.82 25.35 -4.00
C ASN B 238 7.50 25.64 -5.47
N SER B 239 7.41 26.93 -5.78
CA SER B 239 6.90 27.40 -7.07
C SER B 239 7.99 27.78 -8.08
N PHE B 240 7.79 27.39 -9.35
CA PHE B 240 8.69 27.82 -10.41
C PHE B 240 8.70 29.34 -10.61
N VAL B 241 7.56 29.98 -10.37
CA VAL B 241 7.48 31.42 -10.56
C VAL B 241 8.24 32.16 -9.46
N ASN B 242 8.19 31.63 -8.24
CA ASN B 242 8.95 32.25 -7.16
C ASN B 242 10.43 32.17 -7.44
N LEU B 243 10.87 31.03 -7.97
CA LEU B 243 12.29 30.82 -8.24
C LEU B 243 12.77 31.61 -9.44
N LEU B 244 12.02 31.54 -10.53
CA LEU B 244 12.45 32.04 -11.83
C LEU B 244 11.88 33.41 -12.23
N GLY B 245 10.77 33.79 -11.62
CA GLY B 245 10.01 34.94 -12.10
C GLY B 245 9.03 34.49 -13.16
N LEU B 246 7.97 35.28 -13.37
CA LEU B 246 6.90 34.90 -14.29
C LEU B 246 7.39 34.76 -15.72
N GLU B 247 8.12 35.77 -16.19
CA GLU B 247 8.58 35.80 -17.58
C GLU B 247 9.35 34.53 -17.92
N GLN B 248 10.36 34.21 -17.12
CA GLN B 248 11.17 33.03 -17.34
C GLN B 248 10.38 31.73 -17.13
N ALA B 249 9.41 31.75 -16.21
CA ALA B 249 8.60 30.55 -16.00
C ALA B 249 7.84 30.21 -17.28
N ILE B 250 7.20 31.20 -17.88
CA ILE B 250 6.51 31.02 -19.16
C ILE B 250 7.48 30.52 -20.23
N LYS B 251 8.72 31.00 -20.16
CA LYS B 251 9.77 30.58 -21.09
C LYS B 251 10.11 29.10 -20.91
N THR B 252 10.14 28.66 -19.66
CA THR B 252 10.46 27.27 -19.34
C THR B 252 9.35 26.35 -19.87
N LYS B 253 8.10 26.74 -19.63
CA LYS B 253 6.95 25.97 -20.09
C LYS B 253 6.96 25.85 -21.61
N GLU B 254 7.03 27.00 -22.28
CA GLU B 254 6.96 27.02 -23.74
C GLU B 254 8.03 26.15 -24.38
N ASN B 255 9.26 26.29 -23.90
CA ASN B 255 10.33 25.40 -24.35
C ASN B 255 9.84 23.96 -24.30
N LEU B 256 9.25 23.58 -23.18
CA LEU B 256 8.95 22.18 -22.93
C LEU B 256 7.86 21.62 -23.83
N LEU B 257 6.86 22.43 -24.15
CA LEU B 257 5.89 22.04 -25.15
C LEU B 257 6.68 21.68 -26.42
N ASN B 258 7.73 22.45 -26.70
CA ASN B 258 8.57 22.22 -27.86
C ASN B 258 9.41 20.94 -27.79
N GLU B 259 10.05 20.69 -26.65
CA GLU B 259 10.84 19.47 -26.48
C GLU B 259 9.96 18.25 -26.64
N CYS B 260 8.77 18.33 -26.04
CA CYS B 260 7.76 17.30 -26.24
C CYS B 260 7.43 17.16 -27.71
N GLU B 261 7.25 18.28 -28.40
CA GLU B 261 6.77 18.24 -29.77
C GLU B 261 7.66 17.33 -30.62
N GLN B 262 8.96 17.58 -30.56
CA GLN B 262 9.93 16.72 -31.22
C GLN B 262 9.76 15.28 -30.75
N ASP B 263 10.11 15.02 -29.49
CA ASP B 263 9.92 13.71 -28.89
C ASP B 263 8.57 13.09 -29.27
N LEU B 264 7.51 13.88 -29.08
CA LEU B 264 6.13 13.41 -29.21
C LEU B 264 5.79 12.87 -30.57
N GLU B 265 5.94 13.74 -31.58
CA GLU B 265 5.35 13.52 -32.91
C GLU B 265 5.39 12.05 -33.35
N LYS B 266 6.26 11.29 -32.71
CA LYS B 266 6.43 9.86 -32.95
C LYS B 266 5.25 9.00 -32.49
N LEU B 267 4.44 9.51 -31.56
CA LEU B 267 3.31 8.76 -31.03
C LEU B 267 2.06 8.95 -31.89
N ASN B 268 1.18 7.96 -31.87
CA ASN B 268 0.07 7.92 -32.81
C ASN B 268 -0.89 9.11 -32.74
N GLU B 269 -1.18 9.68 -33.92
CA GLU B 269 -2.00 10.88 -34.04
C GLU B 269 -3.31 10.75 -33.26
N LYS B 270 -3.85 9.53 -33.29
CA LYS B 270 -5.01 9.12 -32.51
C LYS B 270 -4.84 9.44 -31.02
N LEU B 271 -3.84 8.82 -30.41
CA LEU B 271 -3.52 9.03 -29.00
C LEU B 271 -3.11 10.48 -28.78
N ALA B 272 -2.29 11.00 -29.69
CA ALA B 272 -1.75 12.33 -29.50
C ALA B 272 -2.84 13.39 -29.34
N GLN B 273 -3.91 13.28 -30.12
CA GLN B 273 -4.99 14.26 -29.97
C GLN B 273 -5.84 14.04 -28.73
N ILE B 275 -4.72 12.87 -25.94
CA ILE B 275 -3.87 13.41 -24.87
C ILE B 275 -3.88 14.94 -24.87
N GLN B 276 -3.84 15.53 -26.05
CA GLN B 276 -3.90 16.99 -26.18
C GLN B 276 -5.15 17.57 -25.54
N ASN B 277 -6.25 16.81 -25.56
CA ASN B 277 -7.50 17.27 -24.98
C ASN B 277 -7.54 17.20 -23.46
N LEU B 278 -6.98 16.14 -22.89
CA LEU B 278 -7.06 15.90 -21.46
C LEU B 278 -6.27 16.93 -20.67
N ILE B 279 -5.22 17.43 -21.30
CA ILE B 279 -4.39 18.45 -20.68
C ILE B 279 -5.24 19.71 -20.65
N ILE B 280 -6.17 19.76 -21.60
CA ILE B 280 -7.34 20.63 -21.52
C ILE B 280 -7.12 22.00 -22.15
#